data_7WJ7
#
_entry.id   7WJ7
#
_cell.length_a   96.228
_cell.length_b   96.228
_cell.length_c   115.482
_cell.angle_alpha   90.000
_cell.angle_beta   90.000
_cell.angle_gamma   120.000
#
_symmetry.space_group_name_H-M   'P 31 2 1'
#
loop_
_entity.id
_entity.type
_entity.pdbx_description
1 polymer 'Serine/threonine protein kinase'
2 non-polymer 2-(6-AMINO-OCTAHYDRO-PURIN-9-YL)-5-HYDROXYMETHYL-TETRAHYDRO-FURAN-3,4-DIOL
3 water water
#
_entity_poly.entity_id   1
_entity_poly.type   'polypeptide(L)'
_entity_poly.pdbx_seq_one_letter_code
;GPTTAGLPYRIEAALHFSNGGGVYAGIDTRTGAQVVLKEARPHAGLAADGADAVTRLRHERDMLQRLAGIDGVPAVLDHF
TLGEHHFLVLERIEGRALNTFFAERHPLLDPEPDPGKIADYTAWALRVHAGVERLIDAIHARGIVYNDLHMFNIMVRPDE
TVALIDFEAAAPLAERSRQTLANPAFQAPPGRYGADVDRYSLACLRLALFLPLTTLLVQDRHKAWELAEAIAEHFPVPRG
FLREAAREITRDLPPRPASAAPRFTPDEPGWLQA
;
_entity_poly.pdbx_strand_id   A,B
#
# COMPACT_ATOMS: atom_id res chain seq x y z
N LEU A 7 -15.25 15.67 12.33
CA LEU A 7 -16.35 15.70 13.27
C LEU A 7 -17.58 14.88 12.79
N PRO A 8 -18.07 15.13 11.55
CA PRO A 8 -19.27 14.42 11.11
C PRO A 8 -18.97 13.05 10.54
N TYR A 9 -17.85 12.45 10.93
CA TYR A 9 -17.45 11.14 10.43
C TYR A 9 -16.94 10.29 11.58
N ARG A 10 -17.13 8.98 11.43
CA ARG A 10 -16.64 8.00 12.40
C ARG A 10 -15.73 7.01 11.68
N ILE A 11 -14.43 7.11 11.96
CA ILE A 11 -13.46 6.21 11.33
C ILE A 11 -13.63 4.81 11.91
N GLU A 12 -13.83 3.84 11.03
CA GLU A 12 -14.04 2.45 11.43
C GLU A 12 -12.84 1.54 11.21
N ALA A 13 -11.99 1.84 10.23
CA ALA A 13 -10.87 0.97 9.91
C ALA A 13 -9.72 1.79 9.34
N ALA A 14 -8.51 1.35 9.62
CA ALA A 14 -7.29 1.95 9.07
C ALA A 14 -6.84 1.09 7.90
N LEU A 15 -6.92 1.65 6.70
CA LEU A 15 -6.69 0.85 5.49
C LEU A 15 -5.23 0.87 5.05
N HIS A 16 -4.62 2.05 4.93
CA HIS A 16 -3.25 2.11 4.46
C HIS A 16 -2.61 3.44 4.88
N PHE A 17 -1.29 3.43 4.93
CA PHE A 17 -0.49 4.63 5.21
C PHE A 17 0.80 4.55 4.42
N SER A 18 1.04 5.55 3.57
CA SER A 18 2.22 5.57 2.72
C SER A 18 2.51 7.00 2.32
N ASN A 19 3.80 7.36 2.34
CA ASN A 19 4.26 8.70 1.95
C ASN A 19 3.56 9.78 2.75
N GLY A 20 3.39 9.53 4.06
CA GLY A 20 2.78 10.50 4.95
C GLY A 20 1.28 10.66 4.79
N GLY A 21 0.64 9.81 3.99
CA GLY A 21 -0.79 9.91 3.74
C GLY A 21 -1.49 8.64 4.20
N GLY A 22 -2.60 8.83 4.89
CA GLY A 22 -3.39 7.74 5.43
C GLY A 22 -4.72 7.62 4.70
N VAL A 23 -5.15 6.37 4.49
CA VAL A 23 -6.44 6.08 3.89
C VAL A 23 -7.24 5.29 4.91
N TYR A 24 -8.41 5.80 5.26
CA TYR A 24 -9.23 5.20 6.30
C TYR A 24 -10.66 5.02 5.81
N ALA A 25 -11.31 3.97 6.28
CA ALA A 25 -12.71 3.72 5.99
C ALA A 25 -13.57 4.32 7.08
N GLY A 26 -14.70 4.89 6.68
CA GLY A 26 -15.52 5.62 7.61
C GLY A 26 -16.98 5.58 7.23
N ILE A 27 -17.80 6.24 8.04
CA ILE A 27 -19.23 6.35 7.83
C ILE A 27 -19.64 7.77 8.14
N ASP A 28 -20.35 8.41 7.21
CA ASP A 28 -20.96 9.70 7.50
C ASP A 28 -21.93 9.57 8.66
N THR A 29 -21.70 10.31 9.75
CA THR A 29 -22.54 10.10 10.92
C THR A 29 -23.95 10.62 10.69
N ARG A 30 -24.13 11.54 9.75
CA ARG A 30 -25.45 12.05 9.46
C ARG A 30 -26.24 11.02 8.66
N THR A 31 -25.92 10.90 7.36
CA THR A 31 -26.69 10.04 6.47
C THR A 31 -26.37 8.55 6.66
N GLY A 32 -25.34 8.21 7.41
CA GLY A 32 -24.99 6.81 7.62
C GLY A 32 -24.26 6.16 6.47
N ALA A 33 -23.81 6.92 5.49
CA ALA A 33 -23.25 6.36 4.27
C ALA A 33 -21.79 5.98 4.46
N GLN A 34 -21.33 5.02 3.66
CA GLN A 34 -19.95 4.59 3.69
C GLN A 34 -19.07 5.55 2.89
N VAL A 35 -17.96 5.97 3.49
CA VAL A 35 -17.04 6.92 2.86
C VAL A 35 -15.61 6.45 3.09
N VAL A 36 -14.69 7.02 2.31
CA VAL A 36 -13.26 6.78 2.46
C VAL A 36 -12.60 8.09 2.85
N LEU A 37 -11.80 8.05 3.91
CA LEU A 37 -11.12 9.22 4.46
C LEU A 37 -9.64 9.19 4.10
N LYS A 38 -9.17 10.22 3.42
CA LYS A 38 -7.75 10.42 3.16
C LYS A 38 -7.30 11.69 3.85
N GLU A 39 -6.16 11.61 4.54
CA GLU A 39 -5.65 12.74 5.30
C GLU A 39 -4.17 12.94 5.02
N ALA A 40 -3.71 14.15 5.27
CA ALA A 40 -2.32 14.52 5.02
C ALA A 40 -1.96 15.69 5.92
N ARG A 41 -0.75 15.64 6.48
CA ARG A 41 -0.22 16.73 7.27
C ARG A 41 0.93 17.40 6.51
N PRO A 42 1.08 18.72 6.61
CA PRO A 42 2.11 19.41 5.84
C PRO A 42 3.51 18.91 6.20
N HIS A 43 4.42 19.02 5.23
CA HIS A 43 5.81 18.56 5.34
C HIS A 43 5.93 17.04 5.38
N ALA A 44 4.81 16.34 5.58
CA ALA A 44 4.86 14.89 5.64
C ALA A 44 5.01 14.31 4.23
N GLY A 45 5.85 13.28 4.11
CA GLY A 45 6.04 12.62 2.85
C GLY A 45 6.77 13.43 1.81
N LEU A 46 7.55 14.43 2.23
CA LEU A 46 8.28 15.29 1.30
C LEU A 46 9.13 14.47 0.36
N ALA A 47 8.86 14.60 -0.93
CA ALA A 47 9.56 13.86 -1.96
C ALA A 47 10.69 14.69 -2.54
N ALA A 48 11.48 14.03 -3.41
CA ALA A 48 12.62 14.69 -4.04
C ALA A 48 12.21 15.86 -4.92
N ASP A 49 10.96 15.89 -5.40
CA ASP A 49 10.48 16.96 -6.26
C ASP A 49 9.80 18.08 -5.49
N GLY A 50 9.84 18.07 -4.16
CA GLY A 50 9.24 19.10 -3.34
C GLY A 50 7.79 18.85 -2.99
N ALA A 51 7.17 17.80 -3.52
CA ALA A 51 5.79 17.50 -3.22
C ALA A 51 5.68 16.75 -1.89
N ASP A 52 4.83 17.25 -1.01
CA ASP A 52 4.51 16.57 0.23
C ASP A 52 3.14 15.92 0.10
N ALA A 53 2.64 15.34 1.20
CA ALA A 53 1.38 14.59 1.15
C ALA A 53 0.19 15.51 0.94
N VAL A 54 0.26 16.75 1.43
CA VAL A 54 -0.79 17.72 1.13
C VAL A 54 -0.80 18.05 -0.35
N THR A 55 0.38 18.25 -0.94
CA THR A 55 0.47 18.52 -2.37
C THR A 55 -0.17 17.40 -3.19
N ARG A 56 0.19 16.15 -2.88
CA ARG A 56 -0.38 15.02 -3.61
C ARG A 56 -1.88 14.91 -3.37
N LEU A 57 -2.33 15.18 -2.14
CA LEU A 57 -3.77 15.11 -1.86
C LEU A 57 -4.51 16.20 -2.61
N ARG A 58 -3.97 17.42 -2.63
CA ARG A 58 -4.57 18.49 -3.42
C ARG A 58 -4.64 18.10 -4.89
N HIS A 59 -3.59 17.45 -5.39
CA HIS A 59 -3.59 17.06 -6.80
C HIS A 59 -4.61 15.96 -7.08
N GLU A 60 -4.77 15.01 -6.15
CA GLU A 60 -5.75 13.96 -6.38
C GLU A 60 -7.17 14.51 -6.38
N ARG A 61 -7.47 15.46 -5.51
CA ARG A 61 -8.78 16.09 -5.50
C ARG A 61 -9.04 16.82 -6.81
N ASP A 62 -8.03 17.53 -7.32
CA ASP A 62 -8.17 18.24 -8.59
C ASP A 62 -8.56 17.29 -9.71
N MET A 63 -7.83 16.19 -9.85
CA MET A 63 -8.15 15.22 -10.90
C MET A 63 -9.55 14.64 -10.72
N LEU A 64 -9.93 14.32 -9.47
CA LEU A 64 -11.25 13.78 -9.22
C LEU A 64 -12.35 14.80 -9.52
N GLN A 65 -12.05 16.08 -9.34
CA GLN A 65 -13.04 17.11 -9.63
C GLN A 65 -13.23 17.28 -11.14
N ARG A 66 -12.15 17.19 -11.91
CA ARG A 66 -12.27 17.28 -13.36
C ARG A 66 -13.02 16.10 -13.95
N LEU A 67 -13.07 14.98 -13.23
CA LEU A 67 -13.71 13.75 -13.71
C LEU A 67 -15.08 13.54 -13.08
N ALA A 68 -15.65 14.56 -12.44
CA ALA A 68 -16.91 14.40 -11.74
C ALA A 68 -18.01 13.99 -12.71
N GLY A 69 -18.87 13.06 -12.24
CA GLY A 69 -19.98 12.58 -13.04
C GLY A 69 -19.70 11.33 -13.85
N ILE A 70 -18.43 10.94 -13.99
CA ILE A 70 -18.09 9.75 -14.76
C ILE A 70 -18.33 8.51 -13.91
N ASP A 71 -19.09 7.57 -14.45
CA ASP A 71 -19.37 6.32 -13.74
C ASP A 71 -18.09 5.48 -13.68
N GLY A 72 -17.61 5.23 -12.47
CA GLY A 72 -16.34 4.55 -12.25
C GLY A 72 -15.27 5.40 -11.62
N VAL A 73 -15.47 6.71 -11.51
CA VAL A 73 -14.57 7.63 -10.82
C VAL A 73 -15.22 8.00 -9.50
N PRO A 74 -14.59 7.72 -8.35
CA PRO A 74 -15.22 8.05 -7.06
C PRO A 74 -15.48 9.54 -6.92
N ALA A 75 -16.64 9.88 -6.38
CA ALA A 75 -17.00 11.28 -6.21
C ALA A 75 -16.29 11.88 -5.02
N VAL A 76 -16.08 13.18 -5.06
CA VAL A 76 -15.52 13.93 -3.94
C VAL A 76 -16.68 14.36 -3.05
N LEU A 77 -16.78 13.75 -1.87
CA LEU A 77 -17.90 14.03 -1.00
C LEU A 77 -17.66 15.25 -0.11
N ASP A 78 -16.40 15.51 0.24
CA ASP A 78 -16.09 16.50 1.26
C ASP A 78 -14.57 16.68 1.30
N HIS A 79 -14.16 17.86 1.78
CA HIS A 79 -12.75 18.13 2.02
C HIS A 79 -12.65 19.35 2.92
N PHE A 80 -11.79 19.27 3.92
CA PHE A 80 -11.71 20.29 4.95
C PHE A 80 -10.35 20.22 5.61
N THR A 81 -10.05 21.22 6.44
CA THR A 81 -8.84 21.26 7.23
C THR A 81 -9.19 21.37 8.71
N LEU A 82 -8.32 20.80 9.54
CA LEU A 82 -8.44 20.85 11.01
C LEU A 82 -7.07 21.26 11.53
N GLY A 83 -6.86 22.57 11.65
CA GLY A 83 -5.51 23.08 11.87
C GLY A 83 -4.81 23.18 10.53
N GLU A 84 -3.64 22.56 10.43
CA GLU A 84 -2.98 22.35 9.14
C GLU A 84 -3.30 20.98 8.56
N HIS A 85 -4.23 20.25 9.18
CA HIS A 85 -4.53 18.87 8.83
C HIS A 85 -5.59 18.84 7.74
N HIS A 86 -5.24 18.30 6.58
CA HIS A 86 -6.14 18.23 5.44
C HIS A 86 -6.85 16.88 5.40
N PHE A 87 -8.14 16.90 5.07
CA PHE A 87 -8.94 15.70 4.89
C PHE A 87 -9.62 15.73 3.54
N LEU A 88 -9.68 14.57 2.88
CA LEU A 88 -10.40 14.40 1.63
C LEU A 88 -11.34 13.20 1.80
N VAL A 89 -12.63 13.43 1.63
CA VAL A 89 -13.65 12.40 1.84
C VAL A 89 -14.18 11.96 0.47
N LEU A 90 -13.96 10.69 0.14
CA LEU A 90 -14.37 10.13 -1.14
C LEU A 90 -15.45 9.08 -0.92
N GLU A 91 -16.19 8.82 -1.99
CA GLU A 91 -17.19 7.74 -1.97
C GLU A 91 -16.49 6.39 -1.95
N ARG A 92 -17.08 5.44 -1.21
CA ARG A 92 -16.51 4.10 -1.14
C ARG A 92 -16.99 3.29 -2.34
N ILE A 93 -16.05 2.82 -3.14
CA ILE A 93 -16.38 1.91 -4.23
C ILE A 93 -16.63 0.53 -3.65
N GLU A 94 -17.81 -0.02 -3.92
CA GLU A 94 -18.09 -1.39 -3.50
C GLU A 94 -17.51 -2.37 -4.51
N GLY A 95 -17.18 -3.57 -4.03
CA GLY A 95 -16.64 -4.59 -4.91
C GLY A 95 -15.26 -5.07 -4.49
N ARG A 96 -14.58 -5.78 -5.38
CA ARG A 96 -13.26 -6.33 -5.11
C ARG A 96 -12.23 -5.77 -6.09
N ALA A 97 -11.01 -5.57 -5.60
CA ALA A 97 -9.93 -5.18 -6.48
C ALA A 97 -9.57 -6.34 -7.40
N LEU A 98 -9.20 -6.00 -8.64
CA LEU A 98 -8.98 -7.03 -9.65
C LEU A 98 -7.85 -7.98 -9.27
N ASN A 99 -6.86 -7.50 -8.50
CA ASN A 99 -5.72 -8.34 -8.15
C ASN A 99 -6.08 -9.45 -7.17
N THR A 100 -7.17 -9.31 -6.42
CA THR A 100 -7.58 -10.37 -5.51
C THR A 100 -8.21 -11.55 -6.23
N PHE A 101 -8.62 -11.38 -7.48
CA PHE A 101 -9.08 -12.52 -8.28
C PHE A 101 -7.92 -13.37 -8.79
N PHE A 102 -6.77 -12.74 -9.06
CA PHE A 102 -5.62 -13.43 -9.64
C PHE A 102 -5.07 -14.53 -8.74
N ALA A 103 -5.47 -14.56 -7.47
CA ALA A 103 -5.09 -15.62 -6.56
C ALA A 103 -6.23 -16.61 -6.30
N GLU A 104 -7.46 -16.21 -6.57
CA GLU A 104 -8.65 -17.00 -6.25
C GLU A 104 -9.33 -17.56 -7.50
N ARG A 105 -9.64 -16.71 -8.48
CA ARG A 105 -10.42 -17.18 -9.63
C ARG A 105 -9.57 -18.01 -10.57
N HIS A 106 -8.45 -17.45 -11.07
CA HIS A 106 -7.79 -18.12 -12.17
C HIS A 106 -6.47 -18.85 -11.85
N PRO A 107 -6.33 -19.52 -10.67
CA PRO A 107 -5.30 -20.56 -10.57
C PRO A 107 -5.84 -21.96 -10.80
N LEU A 108 -7.06 -22.23 -10.34
CA LEU A 108 -7.67 -23.55 -10.52
C LEU A 108 -7.91 -23.88 -11.99
N LEU A 109 -7.90 -22.87 -12.86
CA LEU A 109 -8.06 -23.08 -14.30
C LEU A 109 -6.76 -23.48 -14.97
N ASP A 110 -5.99 -24.36 -14.35
CA ASP A 110 -4.73 -24.83 -14.89
C ASP A 110 -4.94 -25.53 -16.23
N GLU A 112 -5.41 -29.36 -16.10
CA GLU A 112 -6.46 -30.07 -16.84
C GLU A 112 -7.82 -29.54 -16.38
N PRO A 113 -8.23 -28.41 -16.96
CA PRO A 113 -9.32 -27.63 -16.36
C PRO A 113 -10.71 -27.89 -16.95
N ASP A 114 -11.72 -27.37 -16.26
CA ASP A 114 -13.11 -27.54 -16.67
C ASP A 114 -13.45 -26.52 -17.77
N PRO A 115 -13.81 -26.97 -18.98
CA PRO A 115 -13.98 -26.01 -20.09
C PRO A 115 -15.11 -25.01 -19.87
N GLY A 116 -16.17 -25.41 -19.15
CA GLY A 116 -17.22 -24.45 -18.84
C GLY A 116 -16.72 -23.29 -17.99
N LYS A 117 -15.93 -23.61 -16.96
CA LYS A 117 -15.37 -22.58 -16.11
C LYS A 117 -14.34 -21.74 -16.85
N ILE A 118 -13.56 -22.36 -17.73
CA ILE A 118 -12.64 -21.62 -18.58
C ILE A 118 -13.40 -20.60 -19.42
N ALA A 119 -14.57 -21.00 -19.93
CA ALA A 119 -15.38 -20.12 -20.78
C ALA A 119 -16.05 -19.02 -19.95
N ASP A 120 -16.58 -19.36 -18.77
CA ASP A 120 -17.16 -18.34 -17.91
C ASP A 120 -16.14 -17.28 -17.55
N TYR A 121 -14.93 -17.71 -17.18
CA TYR A 121 -13.88 -16.76 -16.83
C TYR A 121 -13.49 -15.90 -18.02
N THR A 122 -13.41 -16.50 -19.21
CA THR A 122 -13.02 -15.74 -20.40
C THR A 122 -14.01 -14.64 -20.71
N ALA A 123 -15.30 -14.98 -20.76
CA ALA A 123 -16.33 -13.96 -20.97
C ALA A 123 -16.29 -12.91 -19.87
N TRP A 124 -15.98 -13.33 -18.64
CA TRP A 124 -15.87 -12.39 -17.53
C TRP A 124 -14.70 -11.43 -17.74
N ALA A 125 -13.54 -11.96 -18.13
CA ALA A 125 -12.35 -11.13 -18.27
C ALA A 125 -12.50 -10.14 -19.42
N LEU A 126 -13.12 -10.58 -20.52
CA LEU A 126 -13.34 -9.68 -21.64
C LEU A 126 -14.35 -8.59 -21.30
N ARG A 127 -15.35 -8.91 -20.47
CA ARG A 127 -16.28 -7.89 -20.01
C ARG A 127 -15.58 -6.87 -19.10
N VAL A 128 -14.79 -7.36 -18.14
CA VAL A 128 -14.08 -6.46 -17.24
C VAL A 128 -13.12 -5.57 -18.02
N HIS A 129 -12.35 -6.16 -18.94
CA HIS A 129 -11.40 -5.35 -19.71
C HIS A 129 -12.11 -4.34 -20.61
N ALA A 130 -13.26 -4.74 -21.19
CA ALA A 130 -14.00 -3.81 -22.02
C ALA A 130 -14.54 -2.64 -21.19
N GLY A 131 -15.02 -2.93 -19.98
CA GLY A 131 -15.45 -1.86 -19.09
C GLY A 131 -14.31 -0.96 -18.66
N VAL A 132 -13.12 -1.52 -18.46
CA VAL A 132 -11.94 -0.70 -18.17
C VAL A 132 -11.61 0.18 -19.37
N GLU A 133 -11.85 -0.33 -20.59
CA GLU A 133 -11.58 0.46 -21.79
C GLU A 133 -12.50 1.66 -21.88
N ARG A 134 -13.79 1.46 -21.63
CA ARG A 134 -14.75 2.56 -21.69
C ARG A 134 -14.47 3.61 -20.62
N LEU A 135 -14.16 3.17 -19.40
CA LEU A 135 -13.81 4.11 -18.33
C LEU A 135 -12.61 4.97 -18.73
N ILE A 136 -11.57 4.32 -19.26
CA ILE A 136 -10.36 5.04 -19.67
C ILE A 136 -10.67 5.99 -20.82
N ASP A 137 -11.58 5.60 -21.72
CA ASP A 137 -11.96 6.48 -22.81
C ASP A 137 -12.67 7.73 -22.30
N ALA A 138 -13.63 7.56 -21.38
CA ALA A 138 -14.32 8.72 -20.83
C ALA A 138 -13.35 9.65 -20.11
N ILE A 139 -12.34 9.07 -19.46
CA ILE A 139 -11.35 9.86 -18.73
C ILE A 139 -10.48 10.66 -19.71
N HIS A 140 -10.07 10.04 -20.82
CA HIS A 140 -9.30 10.78 -21.83
C HIS A 140 -10.14 11.91 -22.43
N ALA A 141 -11.43 11.64 -22.66
CA ALA A 141 -12.32 12.67 -23.20
C ALA A 141 -12.34 13.91 -22.31
N ARG A 142 -12.24 13.71 -20.99
CA ARG A 142 -12.14 14.83 -20.06
C ARG A 142 -10.76 15.46 -20.04
N GLY A 143 -9.83 14.95 -20.84
CA GLY A 143 -8.55 15.59 -21.05
C GLY A 143 -7.44 15.17 -20.11
N ILE A 144 -7.65 14.13 -19.29
CA ILE A 144 -6.62 13.67 -18.37
C ILE A 144 -6.24 12.25 -18.74
N VAL A 145 -5.00 11.90 -18.46
CA VAL A 145 -4.46 10.57 -18.73
C VAL A 145 -4.23 9.90 -17.38
N TYR A 146 -4.95 8.82 -17.13
CA TYR A 146 -4.55 7.89 -16.08
C TYR A 146 -3.12 7.43 -16.37
N ASN A 147 -2.39 7.07 -15.32
CA ASN A 147 -1.03 6.62 -15.52
C ASN A 147 -0.71 5.34 -14.75
N ASP A 148 -1.60 4.89 -13.86
CA ASP A 148 -1.34 3.76 -12.98
C ASP A 148 -2.32 2.61 -13.26
N LEU A 149 -2.73 2.44 -14.51
CA LEU A 149 -3.74 1.43 -14.83
C LEU A 149 -3.14 0.04 -14.74
N HIS A 150 -3.60 -0.74 -13.77
CA HIS A 150 -3.17 -2.11 -13.56
C HIS A 150 -4.16 -2.76 -12.59
N MET A 151 -3.94 -4.04 -12.31
CA MET A 151 -4.91 -4.84 -11.56
C MET A 151 -5.13 -4.36 -10.14
N PHE A 152 -4.20 -3.61 -9.57
CA PHE A 152 -4.37 -3.12 -8.20
C PHE A 152 -5.25 -1.89 -8.11
N ASN A 153 -5.46 -1.20 -9.23
CA ASN A 153 -6.24 0.04 -9.25
C ASN A 153 -7.66 -0.16 -9.77
N ILE A 154 -8.01 -1.37 -10.22
CA ILE A 154 -9.33 -1.63 -10.82
C ILE A 154 -10.20 -2.32 -9.78
N MET A 155 -11.37 -1.75 -9.53
CA MET A 155 -12.39 -2.36 -8.68
C MET A 155 -13.46 -2.98 -9.55
N VAL A 156 -13.80 -4.24 -9.27
CA VAL A 156 -14.91 -4.93 -9.91
C VAL A 156 -16.10 -4.83 -8.97
N ARG A 157 -17.08 -4.01 -9.35
CA ARG A 157 -18.25 -3.78 -8.53
C ARG A 157 -19.20 -4.97 -8.59
N PRO A 158 -20.13 -5.07 -7.63
CA PRO A 158 -21.05 -6.21 -7.59
C PRO A 158 -21.70 -6.55 -8.92
N ASP A 159 -22.13 -5.55 -9.69
CA ASP A 159 -22.80 -5.78 -10.95
C ASP A 159 -21.85 -6.07 -12.11
N GLU A 160 -20.56 -6.32 -11.80
CA GLU A 160 -19.48 -6.60 -12.73
C GLU A 160 -19.03 -5.37 -13.51
N THR A 161 -19.59 -4.19 -13.26
CA THR A 161 -19.02 -2.98 -13.83
C THR A 161 -17.76 -2.61 -13.04
N VAL A 162 -16.90 -1.81 -13.68
CA VAL A 162 -15.59 -1.53 -13.14
C VAL A 162 -15.51 -0.08 -12.67
N ALA A 163 -14.51 0.17 -11.83
CA ALA A 163 -14.14 1.50 -11.40
C ALA A 163 -12.64 1.54 -11.18
N LEU A 164 -12.10 2.76 -11.15
CA LEU A 164 -10.71 3.01 -10.81
C LEU A 164 -10.64 3.71 -9.45
N ILE A 165 -9.53 3.52 -8.75
CA ILE A 165 -9.49 3.75 -7.32
C ILE A 165 -8.54 4.87 -6.93
N ASP A 166 -7.34 4.94 -7.52
CA ASP A 166 -6.34 5.92 -7.12
C ASP A 166 -6.01 6.82 -8.30
N PHE A 167 -6.25 8.11 -8.14
CA PHE A 167 -6.03 9.08 -9.20
C PHE A 167 -4.89 10.03 -8.89
N GLU A 168 -4.04 9.70 -7.92
CA GLU A 168 -2.89 10.54 -7.60
C GLU A 168 -1.95 10.64 -8.80
N ALA A 169 -1.74 9.53 -9.50
CA ALA A 169 -0.85 9.48 -10.65
C ALA A 169 -1.43 10.14 -11.90
N ALA A 170 -2.73 10.44 -11.92
CA ALA A 170 -3.35 11.04 -13.09
C ALA A 170 -2.76 12.42 -13.37
N ALA A 171 -2.89 12.86 -14.63
CA ALA A 171 -2.31 14.11 -15.05
C ALA A 171 -2.99 14.56 -16.34
N PRO A 172 -2.97 15.86 -16.64
CA PRO A 172 -3.52 16.31 -17.94
C PRO A 172 -2.73 15.73 -19.10
N LEU A 173 -3.43 15.54 -20.22
CA LEU A 173 -2.80 15.01 -21.42
C LEU A 173 -1.66 15.90 -21.91
N ALA A 174 -1.69 17.19 -21.55
CA ALA A 174 -0.67 18.13 -22.01
C ALA A 174 0.73 17.64 -21.67
N GLU A 175 0.99 17.43 -20.38
CA GLU A 175 2.32 17.04 -19.92
C GLU A 175 2.58 15.54 -20.09
N LEU A 181 5.26 4.92 -14.02
CA LEU A 181 5.38 4.57 -15.46
C LEU A 181 5.33 3.06 -15.61
N ALA A 182 6.11 2.33 -14.81
CA ALA A 182 6.21 0.86 -14.94
C ALA A 182 4.91 0.14 -14.61
N ASN A 183 4.68 -0.98 -15.28
CA ASN A 183 3.47 -1.81 -15.05
C ASN A 183 3.87 -3.00 -14.20
N PRO A 184 2.98 -3.56 -13.36
CA PRO A 184 3.29 -4.78 -12.63
C PRO A 184 3.79 -5.94 -13.48
N ALA A 185 3.36 -6.03 -14.74
CA ALA A 185 3.70 -7.20 -15.58
C ALA A 185 4.87 -6.88 -16.51
N PHE A 186 4.94 -5.66 -17.04
CA PHE A 186 5.98 -5.35 -18.04
C PHE A 186 6.55 -3.95 -17.84
N GLN A 187 7.78 -3.73 -18.32
CA GLN A 187 8.40 -2.43 -18.29
C GLN A 187 7.63 -1.46 -19.20
N ALA A 188 7.55 -0.21 -18.77
CA ALA A 188 6.99 0.82 -19.63
C ALA A 188 7.91 1.06 -20.82
N PRO A 189 7.37 1.29 -22.01
CA PRO A 189 8.20 1.51 -23.18
C PRO A 189 8.79 2.91 -23.17
N PRO A 190 9.93 3.10 -23.85
CA PRO A 190 10.55 4.44 -23.87
C PRO A 190 9.71 5.43 -24.67
N GLY A 191 9.57 6.64 -24.12
CA GLY A 191 9.01 7.76 -24.84
C GLY A 191 7.62 7.59 -25.41
N ARG A 192 6.68 7.11 -24.59
CA ARG A 192 5.27 7.14 -24.94
C ARG A 192 4.59 8.26 -24.16
N TYR A 193 3.66 8.95 -24.82
CA TYR A 193 3.06 10.15 -24.24
C TYR A 193 1.59 10.23 -24.59
N GLY A 194 0.88 11.10 -23.87
CA GLY A 194 -0.53 11.31 -24.11
C GLY A 194 -1.36 10.11 -23.67
N ALA A 195 -2.46 9.89 -24.41
CA ALA A 195 -3.30 8.73 -24.16
C ALA A 195 -2.63 7.42 -24.53
N ASP A 196 -1.51 7.47 -25.24
CA ASP A 196 -0.80 6.25 -25.61
C ASP A 196 -0.23 5.53 -24.40
N VAL A 197 0.09 6.27 -23.33
CA VAL A 197 0.53 5.63 -22.10
C VAL A 197 -0.53 4.69 -21.57
N ASP A 198 -1.80 5.12 -21.61
CA ASP A 198 -2.88 4.30 -21.08
C ASP A 198 -3.17 3.11 -21.98
N ARG A 199 -2.87 3.23 -23.25
CA ARG A 199 -3.21 2.10 -24.10
C ARG A 199 -2.17 1.02 -24.02
N TYR A 200 -0.93 1.37 -23.70
CA TYR A 200 0.05 0.34 -23.38
C TYR A 200 -0.37 -0.45 -22.16
N SER A 201 -0.80 0.26 -21.10
CA SER A 201 -1.24 -0.42 -19.89
C SER A 201 -2.43 -1.32 -20.17
N LEU A 202 -3.37 -0.87 -21.01
CA LEU A 202 -4.50 -1.70 -21.38
C LEU A 202 -4.05 -2.94 -22.14
N ALA A 203 -3.02 -2.79 -22.98
CA ALA A 203 -2.49 -3.95 -23.70
C ALA A 203 -1.89 -4.96 -22.74
N CYS A 204 -1.07 -4.50 -21.79
CA CYS A 204 -0.53 -5.38 -20.77
C CYS A 204 -1.64 -6.06 -19.99
N LEU A 205 -2.73 -5.34 -19.72
CA LEU A 205 -3.84 -5.91 -18.97
C LEU A 205 -4.50 -7.06 -19.73
N ARG A 206 -4.49 -7.00 -21.07
CA ARG A 206 -5.11 -8.04 -21.87
C ARG A 206 -4.45 -9.39 -21.62
N LEU A 207 -3.11 -9.42 -21.65
CA LEU A 207 -2.41 -10.67 -21.40
C LEU A 207 -2.41 -11.02 -19.91
N ALA A 208 -2.39 -10.01 -19.04
CA ALA A 208 -2.30 -10.24 -17.61
C ALA A 208 -3.52 -10.99 -17.09
N LEU A 209 -4.71 -10.70 -17.65
CA LEU A 209 -5.92 -11.38 -17.21
C LEU A 209 -5.89 -12.88 -17.49
N PHE A 210 -4.99 -13.32 -18.35
CA PHE A 210 -4.96 -14.72 -18.77
C PHE A 210 -3.64 -15.41 -18.51
N LEU A 211 -2.70 -14.76 -17.86
CA LEU A 211 -1.45 -15.42 -17.59
C LEU A 211 -1.34 -15.80 -16.11
N PRO A 212 -0.70 -16.91 -15.79
CA PRO A 212 -0.41 -17.20 -14.38
C PRO A 212 0.57 -16.19 -13.81
N LEU A 213 0.49 -15.98 -12.50
CA LEU A 213 1.23 -14.89 -11.86
C LEU A 213 2.72 -14.98 -12.11
N THR A 214 3.29 -16.19 -12.00
CA THR A 214 4.74 -16.34 -12.15
C THR A 214 5.20 -16.03 -13.56
N THR A 215 4.43 -16.47 -14.57
CA THR A 215 4.77 -16.14 -15.95
C THR A 215 4.62 -14.65 -16.21
N LEU A 216 3.66 -14.00 -15.55
CA LEU A 216 3.51 -12.55 -15.66
C LEU A 216 4.78 -11.82 -15.24
N LEU A 217 5.26 -12.13 -14.04
CA LEU A 217 6.40 -11.40 -13.49
C LEU A 217 7.70 -11.78 -14.19
N VAL A 218 7.83 -13.02 -14.62
CA VAL A 218 9.13 -13.50 -15.10
C VAL A 218 9.34 -13.14 -16.57
N GLN A 219 8.30 -13.26 -17.39
CA GLN A 219 8.44 -13.04 -18.83
C GLN A 219 8.41 -11.56 -19.17
N ASP A 220 9.38 -11.12 -19.97
CA ASP A 220 9.46 -9.73 -20.39
C ASP A 220 8.68 -9.52 -21.68
N ARG A 221 8.62 -8.26 -22.15
CA ARG A 221 7.74 -7.91 -23.25
C ARG A 221 8.25 -8.34 -24.61
N HIS A 222 9.51 -8.78 -24.72
CA HIS A 222 9.99 -9.36 -25.97
C HIS A 222 9.22 -10.64 -26.30
N LYS A 223 8.66 -11.29 -25.29
CA LYS A 223 7.96 -12.56 -25.43
C LYS A 223 6.45 -12.40 -25.60
N ALA A 224 5.98 -11.18 -25.93
CA ALA A 224 4.54 -10.91 -25.95
C ALA A 224 3.81 -11.83 -26.92
N TRP A 225 4.34 -11.96 -28.14
CA TRP A 225 3.71 -12.83 -29.13
C TRP A 225 3.67 -14.28 -28.64
N GLU A 226 4.71 -14.70 -27.93
CA GLU A 226 4.74 -16.06 -27.41
C GLU A 226 3.68 -16.26 -26.35
N LEU A 227 3.53 -15.29 -25.43
CA LEU A 227 2.52 -15.40 -24.40
C LEU A 227 1.11 -15.35 -25.01
N ALA A 228 0.93 -14.56 -26.06
CA ALA A 228 -0.35 -14.54 -26.75
C ALA A 228 -0.66 -15.91 -27.37
N GLU A 229 0.36 -16.56 -27.94
CA GLU A 229 0.19 -17.93 -28.42
C GLU A 229 -0.22 -18.86 -27.29
N ALA A 230 0.48 -18.77 -26.16
CA ALA A 230 0.18 -19.64 -25.02
C ALA A 230 -1.23 -19.41 -24.50
N ILE A 231 -1.71 -18.16 -24.50
CA ILE A 231 -3.03 -17.87 -23.97
C ILE A 231 -4.11 -18.55 -24.82
N ALA A 232 -4.01 -18.41 -26.14
CA ALA A 232 -5.01 -18.99 -27.02
C ALA A 232 -5.04 -20.51 -26.94
N GLU A 233 -4.02 -21.13 -26.36
CA GLU A 233 -3.98 -22.58 -26.21
C GLU A 233 -4.74 -23.06 -24.97
N HIS A 234 -5.00 -22.17 -24.00
CA HIS A 234 -5.77 -22.52 -22.82
C HIS A 234 -7.13 -21.85 -22.75
N PHE A 235 -7.30 -20.70 -23.39
CA PHE A 235 -8.52 -19.89 -23.25
C PHE A 235 -9.13 -19.61 -24.62
N PRO A 236 -10.47 -19.56 -24.73
CA PRO A 236 -11.14 -19.16 -25.97
C PRO A 236 -11.15 -17.65 -26.19
N VAL A 237 -9.98 -17.03 -26.08
CA VAL A 237 -9.86 -15.59 -26.32
C VAL A 237 -9.74 -15.36 -27.83
N PRO A 238 -10.54 -14.47 -28.41
CA PRO A 238 -10.38 -14.15 -29.83
C PRO A 238 -8.95 -13.71 -30.13
N ARG A 239 -8.43 -14.17 -31.27
CA ARG A 239 -7.01 -13.98 -31.55
C ARG A 239 -6.67 -12.52 -31.82
N GLY A 240 -7.55 -11.79 -32.51
CA GLY A 240 -7.30 -10.38 -32.74
C GLY A 240 -7.14 -9.60 -31.45
N PHE A 241 -7.88 -10.01 -30.42
CA PHE A 241 -7.71 -9.43 -29.08
C PHE A 241 -6.27 -9.60 -28.60
N LEU A 242 -5.73 -10.82 -28.71
CA LEU A 242 -4.38 -11.07 -28.22
C LEU A 242 -3.31 -10.46 -29.11
N ARG A 243 -3.56 -10.37 -30.43
CA ARG A 243 -2.56 -9.82 -31.33
C ARG A 243 -2.50 -8.30 -31.26
N GLU A 244 -3.63 -7.63 -31.03
CA GLU A 244 -3.59 -6.20 -30.77
C GLU A 244 -2.82 -5.89 -29.50
N ALA A 245 -2.88 -6.78 -28.51
CA ALA A 245 -2.10 -6.58 -27.28
C ALA A 245 -0.61 -6.77 -27.55
N ALA A 246 -0.25 -7.88 -28.20
CA ALA A 246 1.15 -8.15 -28.49
C ALA A 246 1.76 -7.06 -29.38
N ARG A 247 1.00 -6.59 -30.37
CA ARG A 247 1.52 -5.56 -31.26
C ARG A 247 1.71 -4.25 -30.51
N GLU A 248 0.74 -3.86 -29.67
CA GLU A 248 0.85 -2.62 -28.93
C GLU A 248 1.98 -2.66 -27.91
N ILE A 249 2.28 -3.84 -27.36
CA ILE A 249 3.34 -3.96 -26.36
C ILE A 249 4.72 -3.94 -27.00
N THR A 250 4.84 -4.36 -28.25
CA THR A 250 6.13 -4.43 -28.93
C THR A 250 6.28 -3.37 -30.02
N ARG A 251 5.40 -2.36 -30.06
CA ARG A 251 5.35 -1.43 -31.18
C ARG A 251 6.63 -0.62 -31.38
N ASP A 252 7.59 -0.70 -30.47
CA ASP A 252 8.84 0.05 -30.59
C ASP A 252 10.04 -0.82 -30.21
N LEU A 253 10.10 -2.01 -30.79
CA LEU A 253 11.20 -2.94 -30.57
C LEU A 253 11.72 -3.45 -31.90
N PRO A 254 12.93 -4.04 -31.90
CA PRO A 254 13.60 -4.63 -33.07
C PRO A 254 13.07 -6.02 -33.39
N GLY B 6 11.39 -20.88 -15.16
CA GLY B 6 12.58 -21.53 -14.65
C GLY B 6 12.74 -21.33 -13.15
N LEU B 7 11.89 -20.50 -12.57
CA LEU B 7 12.00 -20.17 -11.16
C LEU B 7 11.64 -21.38 -10.30
N PRO B 8 12.24 -21.50 -9.12
CA PRO B 8 11.75 -22.45 -8.10
C PRO B 8 10.66 -21.88 -7.19
N TYR B 9 10.07 -20.75 -7.56
CA TYR B 9 9.05 -20.09 -6.75
C TYR B 9 7.75 -20.00 -7.54
N ARG B 10 6.67 -20.51 -6.96
CA ARG B 10 5.33 -20.30 -7.49
C ARG B 10 4.73 -19.07 -6.82
N ILE B 11 4.39 -18.07 -7.61
CA ILE B 11 3.75 -16.85 -7.09
C ILE B 11 2.25 -17.09 -7.09
N GLU B 12 1.64 -16.97 -5.90
CA GLU B 12 0.25 -17.37 -5.72
C GLU B 12 -0.69 -16.24 -5.33
N ALA B 13 -0.20 -15.03 -5.07
CA ALA B 13 -1.07 -13.94 -4.65
C ALA B 13 -0.41 -12.60 -4.91
N ALA B 14 -1.19 -11.64 -5.39
CA ALA B 14 -0.73 -10.27 -5.63
C ALA B 14 -1.18 -9.41 -4.45
N LEU B 15 -0.23 -9.01 -3.62
CA LEU B 15 -0.53 -8.27 -2.39
C LEU B 15 -0.60 -6.76 -2.61
N HIS B 16 0.43 -6.18 -3.23
CA HIS B 16 0.47 -4.73 -3.37
C HIS B 16 1.43 -4.36 -4.49
N PHE B 17 1.21 -3.18 -5.06
CA PHE B 17 2.09 -2.60 -6.07
C PHE B 17 2.08 -1.10 -5.89
N SER B 18 3.26 -0.49 -5.96
CA SER B 18 3.40 0.95 -5.76
C SER B 18 4.75 1.45 -6.24
N ASN B 19 4.75 2.47 -7.10
CA ASN B 19 5.96 3.13 -7.59
C ASN B 19 6.95 2.12 -8.18
N GLY B 20 6.47 1.40 -9.21
CA GLY B 20 7.31 0.44 -9.89
C GLY B 20 7.70 -0.78 -9.07
N GLY B 21 7.15 -0.94 -7.87
CA GLY B 21 7.49 -2.08 -7.05
C GLY B 21 6.27 -2.85 -6.57
N GLY B 22 6.32 -4.18 -6.71
CA GLY B 22 5.21 -5.02 -6.29
C GLY B 22 5.59 -6.00 -5.20
N VAL B 23 4.59 -6.46 -4.45
CA VAL B 23 4.80 -7.41 -3.36
C VAL B 23 3.87 -8.59 -3.56
N TYR B 24 4.43 -9.79 -3.59
CA TYR B 24 3.66 -10.99 -3.88
C TYR B 24 3.94 -12.07 -2.84
N ALA B 25 2.94 -12.92 -2.64
CA ALA B 25 3.08 -14.10 -1.79
C ALA B 25 3.32 -15.32 -2.67
N GLY B 26 4.29 -16.14 -2.26
CA GLY B 26 4.67 -17.28 -3.07
C GLY B 26 5.01 -18.53 -2.28
N ILE B 27 5.63 -19.49 -2.97
CA ILE B 27 5.95 -20.81 -2.41
C ILE B 27 7.29 -21.25 -2.97
N ASP B 28 8.19 -21.65 -2.09
CA ASP B 28 9.38 -22.39 -2.54
C ASP B 28 8.94 -23.78 -2.95
N THR B 29 9.01 -24.06 -4.25
CA THR B 29 8.55 -25.35 -4.75
C THR B 29 9.43 -26.50 -4.28
N ARG B 30 10.70 -26.23 -3.96
CA ARG B 30 11.59 -27.29 -3.49
C ARG B 30 11.28 -27.73 -2.07
N THR B 31 10.68 -26.85 -1.26
CA THR B 31 10.40 -27.14 0.14
C THR B 31 8.97 -26.88 0.57
N GLY B 32 8.15 -26.24 -0.26
CA GLY B 32 6.82 -25.85 0.14
C GLY B 32 6.77 -24.67 1.09
N ALA B 33 7.90 -24.05 1.38
CA ALA B 33 7.95 -22.97 2.36
C ALA B 33 7.26 -21.72 1.83
N GLN B 34 6.51 -21.05 2.69
CA GLN B 34 5.88 -19.79 2.32
C GLN B 34 6.92 -18.68 2.28
N VAL B 35 6.86 -17.85 1.23
CA VAL B 35 7.79 -16.73 1.06
C VAL B 35 7.02 -15.51 0.55
N VAL B 36 7.66 -14.35 0.68
CA VAL B 36 7.19 -13.10 0.12
C VAL B 36 8.18 -12.66 -0.95
N LEU B 37 7.65 -12.23 -2.10
CA LEU B 37 8.47 -11.75 -3.20
C LEU B 37 8.21 -10.27 -3.41
N LYS B 38 9.27 -9.47 -3.31
CA LYS B 38 9.26 -8.08 -3.77
C LYS B 38 10.13 -7.97 -5.00
N GLU B 39 9.64 -7.25 -6.00
CA GLU B 39 10.37 -7.08 -7.25
C GLU B 39 10.29 -5.63 -7.71
N ALA B 40 11.29 -5.22 -8.47
CA ALA B 40 11.43 -3.83 -8.88
C ALA B 40 11.93 -3.75 -10.31
N ARG B 41 11.50 -2.71 -11.02
CA ARG B 41 12.00 -2.47 -12.36
C ARG B 41 12.61 -1.07 -12.44
N PRO B 42 13.71 -0.91 -13.17
CA PRO B 42 14.36 0.40 -13.22
C PRO B 42 13.49 1.43 -13.91
N HIS B 43 13.76 2.70 -13.59
CA HIS B 43 13.11 3.82 -14.26
C HIS B 43 14.19 4.87 -14.53
N ALA B 44 14.54 5.04 -15.79
CA ALA B 44 15.45 6.10 -16.21
C ALA B 44 14.68 7.42 -16.19
N GLY B 45 15.00 8.29 -15.25
CA GLY B 45 14.25 9.51 -15.10
C GLY B 45 15.06 10.62 -14.47
N LEU B 46 14.35 11.58 -13.90
CA LEU B 46 14.94 12.81 -13.40
C LEU B 46 15.38 12.64 -11.94
N ALA B 47 16.25 13.56 -11.51
CA ALA B 47 16.66 13.59 -10.11
C ALA B 47 15.49 13.91 -9.20
N ALA B 48 14.61 14.81 -9.64
CA ALA B 48 13.40 15.14 -8.89
C ALA B 48 12.45 13.97 -8.76
N ASP B 49 12.64 12.91 -9.53
CA ASP B 49 11.83 11.71 -9.40
C ASP B 49 12.24 10.84 -8.22
N GLY B 50 13.40 11.08 -7.64
CA GLY B 50 13.86 10.30 -6.51
C GLY B 50 14.43 8.95 -6.93
N ALA B 51 14.75 8.15 -5.91
CA ALA B 51 15.24 6.80 -6.16
C ALA B 51 14.13 5.95 -6.78
N ASP B 52 14.49 5.15 -7.77
CA ASP B 52 13.52 4.28 -8.42
C ASP B 52 13.28 3.03 -7.58
N ALA B 53 12.40 2.16 -8.08
CA ALA B 53 12.03 0.96 -7.33
C ALA B 53 13.22 0.05 -7.08
N VAL B 54 14.16 -0.02 -8.02
CA VAL B 54 15.31 -0.91 -7.87
C VAL B 54 16.27 -0.37 -6.81
N THR B 55 16.51 0.94 -6.82
CA THR B 55 17.39 1.54 -5.82
C THR B 55 16.83 1.35 -4.42
N ARG B 56 15.52 1.54 -4.25
CA ARG B 56 14.90 1.34 -2.94
C ARG B 56 14.85 -0.13 -2.56
N LEU B 57 14.75 -1.03 -3.54
CA LEU B 57 14.76 -2.46 -3.23
C LEU B 57 16.12 -2.89 -2.69
N ARG B 58 17.21 -2.38 -3.28
CA ARG B 58 18.53 -2.79 -2.82
C ARG B 58 18.85 -2.21 -1.45
N HIS B 59 18.37 -1.00 -1.15
CA HIS B 59 18.56 -0.44 0.18
C HIS B 59 17.86 -1.29 1.24
N GLU B 60 16.64 -1.73 0.95
CA GLU B 60 15.91 -2.57 1.91
C GLU B 60 16.64 -3.88 2.14
N ARG B 61 17.09 -4.53 1.07
CA ARG B 61 17.84 -5.77 1.21
C ARG B 61 19.11 -5.54 2.03
N ASP B 62 19.81 -4.44 1.79
CA ASP B 62 20.97 -4.10 2.60
C ASP B 62 20.61 -3.96 4.06
N MET B 63 19.53 -3.24 4.35
CA MET B 63 19.12 -3.04 5.74
C MET B 63 18.72 -4.36 6.40
N LEU B 64 17.96 -5.18 5.67
CA LEU B 64 17.57 -6.48 6.21
C LEU B 64 18.79 -7.37 6.44
N GLN B 65 19.85 -7.19 5.64
CA GLN B 65 21.07 -7.98 5.86
C GLN B 65 21.83 -7.47 7.08
N ARG B 66 21.79 -6.16 7.34
CA ARG B 66 22.35 -5.63 8.57
C ARG B 66 21.67 -6.22 9.80
N LEU B 67 20.35 -6.44 9.71
CA LEU B 67 19.53 -6.85 10.84
C LEU B 67 19.29 -8.35 10.89
N ALA B 68 20.05 -9.13 10.11
CA ALA B 68 19.84 -10.56 10.06
C ALA B 68 20.06 -11.21 11.42
N GLY B 69 19.29 -12.26 11.69
CA GLY B 69 19.35 -12.95 12.95
C GLY B 69 18.53 -12.36 14.06
N ILE B 70 17.91 -11.20 13.86
CA ILE B 70 17.07 -10.57 14.87
C ILE B 70 15.65 -11.13 14.74
N ASP B 71 15.11 -11.60 15.87
CA ASP B 71 13.74 -12.11 15.89
C ASP B 71 12.77 -10.94 15.78
N GLY B 72 11.98 -10.93 14.71
CA GLY B 72 11.12 -9.81 14.38
C GLY B 72 11.53 -9.07 13.13
N VAL B 73 12.62 -9.47 12.49
CA VAL B 73 13.07 -8.90 11.23
C VAL B 73 13.07 -10.02 10.19
N PRO B 74 12.33 -9.89 9.08
CA PRO B 74 12.23 -10.99 8.11
C PRO B 74 13.58 -11.25 7.44
N ALA B 75 13.92 -12.53 7.32
CA ALA B 75 15.20 -12.91 6.75
C ALA B 75 15.17 -12.79 5.22
N VAL B 76 16.34 -12.51 4.66
CA VAL B 76 16.51 -12.49 3.20
C VAL B 76 16.87 -13.90 2.78
N LEU B 77 15.96 -14.54 2.04
CA LEU B 77 16.19 -15.91 1.60
C LEU B 77 16.93 -15.99 0.28
N ASP B 78 16.75 -14.99 -0.58
CA ASP B 78 17.21 -15.10 -1.95
C ASP B 78 17.11 -13.72 -2.60
N HIS B 79 17.91 -13.54 -3.66
CA HIS B 79 17.88 -12.31 -4.44
C HIS B 79 18.49 -12.61 -5.80
N PHE B 80 17.88 -12.09 -6.86
CA PHE B 80 18.40 -12.33 -8.20
C PHE B 80 17.83 -11.28 -9.14
N THR B 81 18.38 -11.26 -10.34
CA THR B 81 17.94 -10.36 -11.40
C THR B 81 17.70 -11.17 -12.67
N LEU B 82 16.62 -10.84 -13.37
CA LEU B 82 16.36 -11.32 -14.73
C LEU B 82 16.31 -10.11 -15.62
N GLY B 83 17.33 -9.95 -16.46
CA GLY B 83 17.53 -8.69 -17.16
C GLY B 83 17.82 -7.60 -16.15
N GLU B 84 16.98 -6.56 -16.12
CA GLU B 84 17.06 -5.53 -15.10
C GLU B 84 15.90 -5.62 -14.11
N HIS B 85 15.20 -6.76 -14.08
CA HIS B 85 14.10 -7.01 -13.16
C HIS B 85 14.68 -7.64 -11.89
N HIS B 86 14.70 -6.86 -10.81
CA HIS B 86 15.24 -7.35 -9.54
C HIS B 86 14.15 -8.08 -8.75
N PHE B 87 14.55 -9.18 -8.11
CA PHE B 87 13.66 -9.96 -7.27
C PHE B 87 14.28 -10.11 -5.89
N LEU B 88 13.49 -9.88 -4.85
CA LEU B 88 13.93 -10.05 -3.47
C LEU B 88 12.98 -11.00 -2.78
N VAL B 89 13.52 -12.13 -2.29
CA VAL B 89 12.72 -13.16 -1.63
C VAL B 89 12.94 -13.05 -0.12
N LEU B 90 11.85 -12.83 0.61
CA LEU B 90 11.90 -12.68 2.06
C LEU B 90 11.02 -13.74 2.72
N GLU B 91 11.37 -14.06 3.97
CA GLU B 91 10.51 -14.93 4.76
C GLU B 91 9.17 -14.24 5.01
N ARG B 92 8.11 -15.03 5.12
CA ARG B 92 6.79 -14.50 5.36
C ARG B 92 6.52 -14.47 6.86
N ILE B 93 6.27 -13.28 7.39
CA ILE B 93 5.85 -13.15 8.78
C ILE B 93 4.35 -13.42 8.85
N GLU B 94 3.98 -14.49 9.55
CA GLU B 94 2.57 -14.78 9.77
C GLU B 94 2.03 -13.88 10.88
N GLY B 95 0.73 -13.67 10.85
CA GLY B 95 0.04 -12.82 11.80
C GLY B 95 -0.72 -11.70 11.11
N ARG B 96 -1.13 -10.71 11.90
CA ARG B 96 -1.91 -9.60 11.41
C ARG B 96 -1.21 -8.28 11.73
N ALA B 97 -1.31 -7.33 10.82
CA ALA B 97 -0.79 -5.99 11.08
C ALA B 97 -1.60 -5.31 12.18
N LEU B 98 -0.92 -4.45 12.94
CA LEU B 98 -1.54 -3.85 14.12
C LEU B 98 -2.72 -2.96 13.75
N ASN B 99 -2.72 -2.39 12.54
CA ASN B 99 -3.79 -1.47 12.16
C ASN B 99 -5.12 -2.20 11.98
N THR B 100 -5.08 -3.50 11.69
CA THR B 100 -6.32 -4.25 11.55
C THR B 100 -6.98 -4.56 12.89
N PHE B 101 -6.28 -4.35 14.01
CA PHE B 101 -6.90 -4.50 15.31
C PHE B 101 -7.78 -3.32 15.68
N PHE B 102 -7.55 -2.16 15.06
CA PHE B 102 -8.33 -0.97 15.37
C PHE B 102 -9.72 -1.01 14.75
N ALA B 103 -10.02 -2.01 13.91
CA ALA B 103 -11.35 -2.15 13.35
C ALA B 103 -12.34 -2.60 14.40
N GLU B 104 -12.13 -3.80 14.96
CA GLU B 104 -13.05 -4.41 15.91
C GLU B 104 -12.60 -4.27 17.36
N ARG B 105 -11.32 -4.54 17.64
CA ARG B 105 -10.83 -4.60 19.01
C ARG B 105 -10.84 -3.25 19.72
N HIS B 106 -11.26 -2.21 19.00
CA HIS B 106 -11.34 -0.85 19.63
C HIS B 106 -12.77 -0.52 20.09
N PRO B 107 -13.82 -0.52 19.25
CA PRO B 107 -15.18 -0.31 19.76
C PRO B 107 -15.74 -1.60 20.36
N LEU B 109 -13.74 -1.94 23.30
CA LEU B 109 -13.91 -1.01 24.45
C LEU B 109 -15.06 -0.06 24.10
N ASP B 110 -16.32 -0.50 24.29
CA ASP B 110 -17.52 0.29 23.92
C ASP B 110 -17.76 1.37 24.99
N PRO B 111 -18.61 2.39 24.76
CA PRO B 111 -18.95 3.38 25.78
C PRO B 111 -18.88 2.92 27.24
N GLU B 112 -19.63 1.87 27.60
CA GLU B 112 -19.58 1.31 28.98
C GLU B 112 -19.33 -0.19 28.90
N PRO B 113 -18.08 -0.66 28.89
CA PRO B 113 -17.81 -2.09 28.72
C PRO B 113 -17.47 -2.86 29.99
N ASP B 114 -17.18 -4.15 29.84
CA ASP B 114 -16.82 -4.97 30.98
C ASP B 114 -15.36 -4.75 31.34
N PRO B 115 -15.06 -4.32 32.58
CA PRO B 115 -13.65 -4.10 32.96
C PRO B 115 -12.79 -5.34 32.89
N GLY B 116 -13.38 -6.53 32.83
CA GLY B 116 -12.60 -7.71 32.53
C GLY B 116 -11.90 -7.60 31.19
N LYS B 117 -12.65 -7.16 30.17
CA LYS B 117 -12.06 -6.96 28.85
C LYS B 117 -11.16 -5.72 28.82
N ILE B 118 -11.46 -4.72 29.63
CA ILE B 118 -10.64 -3.52 29.68
C ILE B 118 -9.25 -3.85 30.21
N ALA B 119 -9.19 -4.53 31.36
CA ALA B 119 -7.90 -4.90 31.92
C ALA B 119 -7.14 -5.83 30.99
N ASP B 120 -7.84 -6.78 30.36
CA ASP B 120 -7.20 -7.68 29.41
C ASP B 120 -6.60 -6.90 28.25
N TYR B 121 -7.29 -5.86 27.77
CA TYR B 121 -6.78 -5.09 26.64
C TYR B 121 -5.57 -4.26 27.03
N THR B 122 -5.59 -3.67 28.23
CA THR B 122 -4.46 -2.86 28.68
C THR B 122 -3.20 -3.70 28.80
N ALA B 123 -3.30 -4.87 29.44
CA ALA B 123 -2.18 -5.79 29.46
C ALA B 123 -1.72 -6.10 28.06
N TRP B 124 -2.66 -6.40 27.14
CA TRP B 124 -2.32 -6.75 25.77
C TRP B 124 -1.56 -5.62 25.08
N ALA B 125 -2.07 -4.40 25.17
CA ALA B 125 -1.44 -3.27 24.49
C ALA B 125 -0.03 -3.03 25.02
N LEU B 126 0.16 -3.16 26.33
CA LEU B 126 1.47 -2.95 26.92
C LEU B 126 2.45 -4.04 26.51
N ARG B 127 1.97 -5.28 26.36
CA ARG B 127 2.79 -6.32 25.73
C ARG B 127 3.31 -5.85 24.39
N VAL B 128 2.40 -5.39 23.53
CA VAL B 128 2.74 -5.08 22.14
C VAL B 128 3.77 -3.98 22.08
N HIS B 129 3.56 -2.90 22.85
CA HIS B 129 4.52 -1.80 22.85
C HIS B 129 5.87 -2.26 23.39
N ALA B 130 5.86 -3.09 24.44
CA ALA B 130 7.12 -3.57 24.99
C ALA B 130 7.86 -4.45 23.99
N GLY B 131 7.14 -5.32 23.29
CA GLY B 131 7.78 -6.12 22.26
C GLY B 131 8.33 -5.28 21.13
N VAL B 132 7.57 -4.28 20.69
CA VAL B 132 8.04 -3.40 19.62
C VAL B 132 9.25 -2.61 20.07
N GLU B 133 9.28 -2.21 21.35
CA GLU B 133 10.41 -1.44 21.87
C GLU B 133 11.66 -2.30 21.96
N ARG B 134 11.52 -3.54 22.44
CA ARG B 134 12.66 -4.45 22.46
C ARG B 134 13.22 -4.68 21.07
N LEU B 135 12.34 -4.86 20.09
CA LEU B 135 12.75 -5.05 18.70
C LEU B 135 13.50 -3.82 18.18
N ILE B 136 12.93 -2.64 18.42
CA ILE B 136 13.58 -1.40 18.00
C ILE B 136 14.94 -1.26 18.66
N ASP B 137 15.04 -1.66 19.94
CA ASP B 137 16.33 -1.58 20.63
C ASP B 137 17.37 -2.47 19.96
N ALA B 138 16.99 -3.69 19.59
CA ALA B 138 17.92 -4.58 18.92
C ALA B 138 18.35 -4.01 17.57
N ILE B 139 17.45 -3.30 16.89
CA ILE B 139 17.81 -2.67 15.61
C ILE B 139 18.80 -1.54 15.83
N HIS B 140 18.65 -0.78 16.92
CA HIS B 140 19.61 0.27 17.22
C HIS B 140 20.97 -0.30 17.60
N ALA B 141 20.99 -1.51 18.17
CA ALA B 141 22.26 -2.14 18.54
C ALA B 141 23.08 -2.55 17.32
N ARG B 142 22.45 -2.69 16.15
CA ARG B 142 23.16 -2.96 14.92
C ARG B 142 23.65 -1.69 14.23
N GLY B 143 23.31 -0.52 14.77
CA GLY B 143 23.63 0.75 14.14
C GLY B 143 22.59 1.25 13.16
N ILE B 144 21.33 0.80 13.28
CA ILE B 144 20.28 1.12 12.34
C ILE B 144 19.16 1.84 13.07
N VAL B 145 18.59 2.85 12.44
CA VAL B 145 17.40 3.54 12.93
C VAL B 145 16.26 3.23 11.97
N TYR B 146 15.31 2.41 12.43
CA TYR B 146 14.01 2.38 11.78
C TYR B 146 13.47 3.80 11.73
N ASN B 147 12.88 4.17 10.60
CA ASN B 147 12.39 5.54 10.43
C ASN B 147 10.89 5.59 10.20
N ASP B 148 10.19 4.44 10.29
CA ASP B 148 8.83 4.34 9.80
C ASP B 148 7.93 3.57 10.76
N LEU B 149 8.13 3.72 12.07
CA LEU B 149 7.41 2.91 13.04
C LEU B 149 6.01 3.45 13.26
N HIS B 150 5.01 2.60 13.01
CA HIS B 150 3.61 2.90 13.29
C HIS B 150 2.81 1.62 13.12
N MET B 151 1.48 1.75 13.18
CA MET B 151 0.58 0.60 13.26
C MET B 151 0.60 -0.24 11.99
N PHE B 152 0.86 0.37 10.83
CA PHE B 152 0.83 -0.34 9.57
C PHE B 152 2.09 -1.16 9.31
N ASN B 153 3.16 -0.92 10.07
CA ASN B 153 4.42 -1.65 9.90
C ASN B 153 4.61 -2.74 10.95
N ILE B 154 3.72 -2.84 11.93
CA ILE B 154 3.90 -3.74 13.08
C ILE B 154 3.05 -4.97 12.86
N MET B 155 3.69 -6.14 12.84
CA MET B 155 3.01 -7.42 12.77
C MET B 155 2.80 -7.97 14.17
N VAL B 156 1.59 -8.46 14.44
CA VAL B 156 1.28 -9.16 15.68
C VAL B 156 1.08 -10.63 15.33
N ARG B 157 2.05 -11.45 15.70
CA ARG B 157 2.04 -12.87 15.35
C ARG B 157 1.07 -13.64 16.22
N PRO B 158 0.68 -14.85 15.80
CA PRO B 158 -0.32 -15.62 16.58
C PRO B 158 0.06 -15.84 18.03
N ASP B 159 1.35 -15.99 18.34
CA ASP B 159 1.78 -16.17 19.72
C ASP B 159 1.97 -14.85 20.47
N GLU B 160 1.50 -13.75 19.90
CA GLU B 160 1.49 -12.38 20.44
C GLU B 160 2.85 -11.68 20.32
N THR B 161 3.88 -12.34 19.80
CA THR B 161 5.12 -11.64 19.56
C THR B 161 4.98 -10.72 18.35
N VAL B 162 5.86 -9.72 18.27
CA VAL B 162 5.73 -8.67 17.28
C VAL B 162 6.81 -8.78 16.22
N ALA B 163 6.61 -8.06 15.11
CA ALA B 163 7.55 -8.00 14.01
C ALA B 163 7.27 -6.74 13.19
N LEU B 164 8.26 -6.35 12.39
CA LEU B 164 8.18 -5.18 11.53
C LEU B 164 8.32 -5.61 10.08
N ILE B 165 7.53 -5.00 9.19
CA ILE B 165 7.40 -5.52 7.82
C ILE B 165 8.37 -4.84 6.86
N ASP B 166 8.27 -3.52 6.72
CA ASP B 166 8.92 -2.79 5.64
C ASP B 166 10.12 -2.03 6.18
N PHE B 167 11.30 -2.32 5.62
CA PHE B 167 12.56 -1.74 6.09
C PHE B 167 13.21 -0.85 5.03
N GLU B 168 12.42 -0.41 4.05
CA GLU B 168 12.95 0.44 2.98
C GLU B 168 13.33 1.82 3.49
N ALA B 169 12.72 2.26 4.61
CA ALA B 169 12.95 3.58 5.18
C ALA B 169 14.05 3.59 6.24
N ALA B 170 14.52 2.43 6.68
CA ALA B 170 15.59 2.39 7.66
C ALA B 170 16.88 2.96 7.10
N ALA B 171 17.73 3.49 7.98
CA ALA B 171 18.98 4.11 7.60
C ALA B 171 20.02 3.84 8.68
N PRO B 172 21.31 3.88 8.34
CA PRO B 172 22.35 3.76 9.36
C PRO B 172 22.21 4.85 10.42
N LEU B 173 22.50 4.48 11.67
CA LEU B 173 22.35 5.43 12.77
C LEU B 173 23.40 6.53 12.69
N ALA B 174 24.58 6.23 12.14
CA ALA B 174 25.64 7.23 12.08
C ALA B 174 25.27 8.43 11.22
N GLU B 175 24.45 8.21 10.19
CA GLU B 175 23.97 9.31 9.37
C GLU B 175 23.20 10.31 10.22
N ARG B 176 23.42 11.60 9.94
CA ARG B 176 22.69 12.68 10.61
C ARG B 176 21.81 13.36 9.58
N SER B 177 20.51 13.08 9.64
CA SER B 177 19.55 13.57 8.67
C SER B 177 18.39 14.23 9.41
N ARG B 178 18.16 15.51 9.13
CA ARG B 178 17.04 16.24 9.73
C ARG B 178 15.69 15.74 9.24
N GLN B 179 15.66 14.90 8.20
CA GLN B 179 14.40 14.40 7.67
C GLN B 179 13.66 13.59 8.73
N THR B 180 12.42 13.99 8.98
CA THR B 180 11.56 13.26 9.94
C THR B 180 10.31 12.77 9.20
N LEU B 181 10.05 11.47 9.24
CA LEU B 181 8.82 10.91 8.61
C LEU B 181 7.68 11.06 9.62
N ALA B 182 6.48 11.37 9.13
CA ALA B 182 5.35 11.63 10.06
C ALA B 182 4.68 10.33 10.48
N ASN B 183 3.98 10.40 11.60
CA ASN B 183 3.25 9.22 12.11
C ASN B 183 1.79 9.44 11.77
N PRO B 184 1.01 8.39 11.46
CA PRO B 184 -0.43 8.53 11.22
C PRO B 184 -1.23 9.34 12.23
N ALA B 185 -0.73 9.54 13.44
CA ALA B 185 -1.52 10.21 14.49
C ALA B 185 -1.06 11.64 14.77
N PHE B 186 0.24 11.89 14.75
CA PHE B 186 0.73 13.23 15.16
C PHE B 186 1.69 13.83 14.14
N GLN B 187 1.76 15.15 14.08
CA GLN B 187 2.64 15.87 13.17
C GLN B 187 4.09 15.42 13.37
N ALA B 188 4.85 15.42 12.28
CA ALA B 188 6.25 15.04 12.34
C ALA B 188 7.01 15.99 13.27
N PRO B 189 7.83 15.47 14.19
CA PRO B 189 8.50 16.34 15.16
C PRO B 189 9.61 17.14 14.51
N PRO B 190 9.72 18.43 14.83
CA PRO B 190 10.71 19.28 14.15
C PRO B 190 12.11 19.02 14.69
N GLY B 191 13.03 18.73 13.78
CA GLY B 191 14.44 18.62 14.12
C GLY B 191 14.76 17.45 15.03
N ARG B 192 14.83 16.25 14.46
CA ARG B 192 15.17 15.05 15.23
C ARG B 192 15.90 14.08 14.32
N TYR B 193 16.85 13.35 14.91
CA TYR B 193 17.64 12.39 14.15
C TYR B 193 18.24 11.38 15.13
N GLY B 194 18.86 10.36 14.56
CA GLY B 194 19.36 9.27 15.38
C GLY B 194 18.21 8.45 15.95
N ALA B 195 18.49 7.82 17.09
CA ALA B 195 17.49 6.99 17.74
C ALA B 195 16.30 7.81 18.24
N ASP B 196 16.44 9.13 18.35
CA ASP B 196 15.36 9.96 18.85
C ASP B 196 14.13 9.91 17.96
N VAL B 197 14.31 9.65 16.66
CA VAL B 197 13.17 9.56 15.75
C VAL B 197 12.28 8.38 16.14
N ASP B 198 12.89 7.24 16.46
CA ASP B 198 12.14 6.07 16.92
C ASP B 198 11.62 6.25 18.34
N ARG B 199 12.38 6.94 19.19
CA ARG B 199 11.88 7.30 20.51
C ARG B 199 10.59 8.07 20.41
N TYR B 200 10.46 8.93 19.41
CA TYR B 200 9.23 9.71 19.23
C TYR B 200 8.09 8.82 18.75
N SER B 201 8.34 8.00 17.73
CA SER B 201 7.28 7.14 17.21
C SER B 201 6.78 6.18 18.28
N LEU B 202 7.68 5.69 19.13
CA LEU B 202 7.26 4.79 20.21
C LEU B 202 6.33 5.48 21.19
N ALA B 203 6.62 6.75 21.53
CA ALA B 203 5.74 7.51 22.40
C ALA B 203 4.36 7.68 21.77
N CYS B 204 4.34 8.03 20.47
CA CYS B 204 3.07 8.13 19.76
C CYS B 204 2.32 6.80 19.81
N LEU B 205 3.03 5.68 19.68
CA LEU B 205 2.39 4.37 19.72
C LEU B 205 1.82 4.08 21.10
N ARG B 206 2.43 4.63 22.16
CA ARG B 206 1.94 4.39 23.51
C ARG B 206 0.56 4.99 23.73
N LEU B 207 0.24 6.10 23.05
CA LEU B 207 -1.10 6.67 23.15
C LEU B 207 -2.04 6.07 22.12
N ALA B 208 -1.54 5.85 20.89
CA ALA B 208 -2.39 5.35 19.82
C ALA B 208 -3.03 4.01 20.17
N LEU B 209 -2.32 3.17 20.92
CA LEU B 209 -2.85 1.87 21.30
C LEU B 209 -4.13 1.98 22.12
N PHE B 210 -4.37 3.14 22.73
CA PHE B 210 -5.54 3.32 23.58
C PHE B 210 -6.56 4.31 23.01
N LEU B 211 -6.20 5.05 21.99
CA LEU B 211 -7.18 6.03 21.53
C LEU B 211 -8.04 5.45 20.41
N PRO B 212 -9.31 5.83 20.36
CA PRO B 212 -10.16 5.41 19.23
C PRO B 212 -9.73 6.11 17.94
N LEU B 213 -10.03 5.45 16.83
CA LEU B 213 -9.49 5.85 15.53
C LEU B 213 -9.83 7.30 15.20
N THR B 214 -11.08 7.70 15.40
CA THR B 214 -11.50 9.06 15.05
C THR B 214 -10.72 10.10 15.84
N THR B 215 -10.63 9.92 17.16
CA THR B 215 -9.86 10.87 17.98
C THR B 215 -8.38 10.81 17.66
N LEU B 216 -7.90 9.66 17.18
CA LEU B 216 -6.49 9.54 16.79
C LEU B 216 -6.14 10.54 15.69
N LEU B 217 -6.93 10.55 14.62
CA LEU B 217 -6.63 11.42 13.48
C LEU B 217 -6.92 12.88 13.79
N VAL B 218 -7.89 13.16 14.66
CA VAL B 218 -8.36 14.52 14.87
C VAL B 218 -7.49 15.30 15.85
N GLN B 219 -7.12 14.69 16.97
CA GLN B 219 -6.39 15.42 18.01
C GLN B 219 -4.91 15.54 17.65
N ASP B 220 -4.38 16.75 17.77
CA ASP B 220 -2.98 17.03 17.46
C ASP B 220 -2.12 16.83 18.71
N ARG B 221 -0.82 17.05 18.55
CA ARG B 221 0.16 16.69 19.57
C ARG B 221 0.22 17.67 20.74
N HIS B 222 -0.38 18.86 20.61
CA HIS B 222 -0.50 19.74 21.78
C HIS B 222 -1.47 19.19 22.80
N LYS B 223 -2.36 18.29 22.39
CA LYS B 223 -3.36 17.69 23.26
C LYS B 223 -2.86 16.41 23.93
N ALA B 224 -1.57 16.09 23.77
CA ALA B 224 -1.03 14.84 24.27
C ALA B 224 -1.23 14.70 25.78
N TRP B 225 -0.96 15.77 26.53
CA TRP B 225 -1.16 15.74 27.97
C TRP B 225 -2.62 15.44 28.31
N GLU B 226 -3.55 16.12 27.66
CA GLU B 226 -4.97 15.80 27.84
C GLU B 226 -5.25 14.36 27.48
N LEU B 227 -4.66 13.88 26.38
CA LEU B 227 -4.92 12.52 25.93
C LEU B 227 -4.41 11.51 26.94
N ALA B 228 -3.22 11.72 27.50
CA ALA B 228 -2.69 10.82 28.51
C ALA B 228 -3.62 10.74 29.71
N GLU B 229 -4.03 11.90 30.25
CA GLU B 229 -4.91 11.92 31.41
C GLU B 229 -6.25 11.27 31.09
N ALA B 230 -6.77 11.50 29.89
CA ALA B 230 -8.03 10.88 29.50
C ALA B 230 -7.92 9.37 29.45
N ILE B 231 -6.83 8.85 28.88
CA ILE B 231 -6.62 7.40 28.82
C ILE B 231 -6.49 6.83 30.22
N ALA B 232 -5.81 7.55 31.12
CA ALA B 232 -5.58 7.04 32.47
C ALA B 232 -6.88 6.81 33.21
N GLU B 233 -7.90 7.65 32.95
CA GLU B 233 -9.16 7.51 33.66
C GLU B 233 -9.97 6.31 33.15
N HIS B 234 -9.72 5.89 31.92
CA HIS B 234 -10.49 4.84 31.29
C HIS B 234 -9.75 3.51 31.20
N PHE B 235 -8.43 3.51 31.38
CA PHE B 235 -7.64 2.29 31.32
C PHE B 235 -6.72 2.21 32.53
N PRO B 236 -6.55 1.01 33.13
CA PRO B 236 -5.65 0.83 34.28
C PRO B 236 -4.17 0.81 33.91
N VAL B 237 -3.73 1.86 33.23
CA VAL B 237 -2.33 1.99 32.87
C VAL B 237 -1.56 2.58 34.05
N PRO B 238 -0.41 2.03 34.41
CA PRO B 238 0.53 2.78 35.26
C PRO B 238 0.70 4.19 34.71
N ARG B 239 0.46 5.18 35.57
CA ARG B 239 0.12 6.51 35.05
C ARG B 239 1.32 7.28 34.52
N GLY B 240 2.52 7.08 35.08
CA GLY B 240 3.70 7.72 34.53
C GLY B 240 4.08 7.22 33.16
N PHE B 241 3.63 6.00 32.81
CA PHE B 241 3.84 5.47 31.47
C PHE B 241 3.24 6.39 30.41
N LEU B 242 1.98 6.77 30.60
CA LEU B 242 1.34 7.71 29.68
C LEU B 242 1.93 9.11 29.82
N ARG B 243 2.26 9.51 31.05
CA ARG B 243 2.90 10.79 31.27
C ARG B 243 4.18 10.93 30.47
N GLU B 244 5.00 9.86 30.46
CA GLU B 244 6.28 9.93 29.76
C GLU B 244 6.10 9.96 28.24
N ALA B 245 5.04 9.36 27.73
CA ALA B 245 4.76 9.46 26.31
C ALA B 245 4.45 10.90 25.91
N ALA B 246 3.57 11.56 26.67
CA ALA B 246 3.23 12.96 26.40
C ALA B 246 4.44 13.87 26.62
N ARG B 247 5.29 13.53 27.60
CA ARG B 247 6.53 14.27 27.77
C ARG B 247 7.39 14.20 26.51
N GLU B 248 7.51 13.01 25.92
CA GLU B 248 8.35 12.84 24.74
C GLU B 248 7.73 13.51 23.53
N ILE B 249 6.41 13.44 23.39
CA ILE B 249 5.77 14.00 22.16
C ILE B 249 5.86 15.53 22.21
N THR B 250 5.87 16.12 23.41
CA THR B 250 5.83 17.59 23.53
C THR B 250 7.16 18.16 24.05
N ARG B 251 8.29 17.58 23.67
CA ARG B 251 9.62 18.02 24.18
C ARG B 251 10.06 19.32 23.50
N ASP B 252 9.29 19.81 22.52
CA ASP B 252 9.62 21.10 21.86
C ASP B 252 8.52 22.11 22.20
#